data_5G34
#
_entry.id   5G34
#
_cell.length_a   53.065
_cell.length_b   53.065
_cell.length_c   130.323
_cell.angle_alpha   90.00
_cell.angle_beta   90.00
_cell.angle_gamma   90.00
#
_symmetry.space_group_name_H-M   'P 41'
#
loop_
_entity.id
_entity.type
_entity.pdbx_description
1 polymer RAD14
2 polymer "5'-D(*GP*CP*TP*CP*TP*AP*6FKP*TP*CP*AP*TP*CP*AP*CP)-3'"
3 polymer "5'-D(*GP*TP*GP*AP*TP*GP*AP*CP*GP*TP*AP*GP*AP*GP)-3'"
4 non-polymer 'ZINC ION'
5 water water
#
loop_
_entity_poly.entity_id
_entity_poly.type
_entity_poly.pdbx_seq_one_letter_code
_entity_poly.pdbx_strand_id
1 'polypeptide(L)'
;MAPKCIECHINIEMDPVLHDVFKLQVCKQCSKEHPEKYALLTKTECKEDYFLTDPELNDEDLFHRLEKPNPHSGTFARMQ
LFVRCEVEAFAFKKWGGEEGLDEEWQRREEGKAHRREKKYGSAWSHPQFEK
;
A,B
2 'polydeoxyribonucleotide' (DG)(DC)(DT)(DC)(DT)(DA)(DC)(8AA)(DT)(DC)(DA)(DT)(DC)(DA)(DC) C,E
3 'polydeoxyribonucleotide' (DG)(DT)(DG)(DA)(DT)(DG)(DA)(DC)(DG)(DT)(DA)(DG)(DA)(DG) D,F
#
# COMPACT_ATOMS: atom_id res chain seq x y z
N ALA A 2 -23.58 -28.71 -29.63
CA ALA A 2 -24.40 -27.46 -29.38
C ALA A 2 -24.60 -27.08 -27.85
N PRO A 3 -23.59 -26.47 -27.14
CA PRO A 3 -23.72 -26.26 -25.66
C PRO A 3 -24.79 -25.26 -25.16
N LYS A 4 -25.46 -25.58 -24.06
CA LYS A 4 -26.61 -24.78 -23.60
C LYS A 4 -26.31 -23.99 -22.34
N CYS A 5 -27.06 -22.91 -22.17
CA CYS A 5 -27.02 -22.13 -20.98
C CYS A 5 -27.38 -23.06 -19.81
N ILE A 6 -26.59 -22.95 -18.76
CA ILE A 6 -26.74 -23.74 -17.57
C ILE A 6 -27.95 -23.34 -16.81
N GLU A 7 -28.59 -22.20 -17.09
CA GLU A 7 -29.82 -21.85 -16.31
C GLU A 7 -31.05 -22.25 -17.04
N CYS A 8 -31.16 -21.99 -18.34
CA CYS A 8 -32.40 -22.27 -19.03
C CYS A 8 -32.33 -23.59 -19.76
N HIS A 9 -31.14 -24.09 -20.02
CA HIS A 9 -30.92 -25.26 -20.89
C HIS A 9 -31.47 -25.12 -22.28
N ILE A 10 -31.65 -23.87 -22.75
CA ILE A 10 -32.23 -23.63 -24.09
C ILE A 10 -31.35 -22.85 -25.00
N ASN A 11 -30.93 -21.68 -24.53
CA ASN A 11 -30.10 -20.80 -25.36
C ASN A 11 -28.72 -21.37 -25.55
N ILE A 12 -28.23 -21.18 -26.77
CA ILE A 12 -26.89 -21.52 -27.15
C ILE A 12 -25.98 -20.25 -27.23
N GLU A 13 -26.50 -19.01 -27.31
CA GLU A 13 -25.69 -17.79 -27.42
C GLU A 13 -25.52 -17.29 -26.02
N MET A 14 -24.29 -17.28 -25.54
CA MET A 14 -24.02 -16.98 -24.16
C MET A 14 -23.74 -15.49 -24.04
N ASP A 15 -23.96 -14.92 -22.86
CA ASP A 15 -23.68 -13.49 -22.67
C ASP A 15 -22.15 -13.28 -22.87
N PRO A 16 -21.75 -12.31 -23.71
CA PRO A 16 -20.34 -12.24 -23.98
C PRO A 16 -19.50 -11.95 -22.77
N VAL A 17 -19.93 -11.08 -21.87
CA VAL A 17 -19.10 -10.80 -20.68
C VAL A 17 -19.03 -12.00 -19.74
N LEU A 18 -20.21 -12.59 -19.44
CA LEU A 18 -20.25 -13.66 -18.45
C LEU A 18 -19.45 -14.87 -18.87
N HIS A 19 -19.54 -15.16 -20.15
CA HIS A 19 -18.80 -16.24 -20.76
C HIS A 19 -17.29 -15.97 -20.84
N ASP A 20 -16.93 -14.87 -21.49
CA ASP A 20 -15.56 -14.58 -21.89
C ASP A 20 -14.76 -14.15 -20.67
N VAL A 21 -15.35 -13.31 -19.83
CA VAL A 21 -14.60 -12.83 -18.63
C VAL A 21 -14.83 -13.68 -17.42
N PHE A 22 -16.08 -14.09 -17.18
CA PHE A 22 -16.37 -14.82 -15.96
C PHE A 22 -16.44 -16.36 -16.12
N LYS A 23 -16.27 -16.86 -17.33
CA LYS A 23 -16.24 -18.30 -17.59
C LYS A 23 -17.54 -18.95 -17.20
N LEU A 24 -18.66 -18.28 -17.44
CA LEU A 24 -19.96 -18.80 -17.07
C LEU A 24 -20.71 -18.94 -18.36
N GLN A 25 -21.24 -20.14 -18.57
CA GLN A 25 -22.00 -20.51 -19.75
C GLN A 25 -23.49 -20.13 -19.48
N VAL A 26 -23.74 -18.81 -19.47
CA VAL A 26 -25.04 -18.24 -19.14
C VAL A 26 -25.49 -17.22 -20.16
N CYS A 27 -26.79 -17.28 -20.56
CA CYS A 27 -27.29 -16.44 -21.60
C CYS A 27 -27.58 -15.13 -20.95
N LYS A 28 -27.60 -14.10 -21.73
CA LYS A 28 -27.97 -12.78 -21.24
C LYS A 28 -29.33 -12.73 -20.52
N GLN A 29 -30.34 -13.32 -21.13
CA GLN A 29 -31.66 -13.33 -20.51
C GLN A 29 -31.64 -13.95 -19.07
N CYS A 30 -31.01 -15.11 -18.92
CA CYS A 30 -30.93 -15.76 -17.62
C CYS A 30 -30.13 -14.92 -16.61
N SER A 31 -29.17 -14.17 -17.09
CA SER A 31 -28.41 -13.29 -16.25
C SER A 31 -29.28 -12.15 -15.65
N LYS A 32 -30.25 -11.63 -16.42
CA LYS A 32 -31.14 -10.63 -15.88
C LYS A 32 -32.21 -11.26 -15.05
N GLU A 33 -32.56 -12.49 -15.33
CA GLU A 33 -33.50 -13.20 -14.46
C GLU A 33 -32.94 -13.68 -13.15
N HIS A 34 -31.59 -13.75 -13.01
CA HIS A 34 -31.01 -14.13 -11.74
C HIS A 34 -29.87 -13.23 -11.28
N PRO A 35 -30.17 -11.95 -10.97
CA PRO A 35 -29.15 -11.00 -10.51
C PRO A 35 -28.50 -11.45 -9.21
N GLU A 36 -29.26 -12.19 -8.42
CA GLU A 36 -28.69 -12.79 -7.21
C GLU A 36 -27.41 -13.59 -7.45
N LYS A 37 -27.20 -14.08 -8.65
CA LYS A 37 -26.00 -14.82 -9.01
C LYS A 37 -25.13 -14.04 -10.04
N TYR A 38 -25.78 -13.37 -11.01
CA TYR A 38 -25.02 -12.84 -12.16
C TYR A 38 -24.83 -11.32 -12.27
N ALA A 39 -25.35 -10.54 -11.35
CA ALA A 39 -25.18 -9.07 -11.38
C ALA A 39 -23.68 -8.73 -11.17
N LEU A 40 -23.25 -7.64 -11.82
CA LEU A 40 -21.85 -7.22 -11.72
C LEU A 40 -21.84 -6.09 -10.67
N LEU A 41 -20.86 -6.15 -9.81
CA LEU A 41 -20.67 -5.32 -8.64
C LEU A 41 -19.32 -4.61 -8.80
N THR A 42 -19.34 -3.30 -8.62
CA THR A 42 -18.11 -2.50 -8.59
C THR A 42 -17.26 -2.94 -7.45
N LYS A 43 -16.00 -2.60 -7.51
CA LYS A 43 -15.13 -2.87 -6.37
C LYS A 43 -15.64 -2.25 -5.02
N THR A 44 -16.06 -1.00 -5.09
CA THR A 44 -16.64 -0.33 -3.94
C THR A 44 -17.91 -1.03 -3.39
N GLU A 45 -18.78 -1.50 -4.27
CA GLU A 45 -19.99 -2.23 -3.83
C GLU A 45 -19.63 -3.60 -3.15
N CYS A 46 -18.61 -4.25 -3.70
CA CYS A 46 -18.09 -5.48 -3.06
C CYS A 46 -17.67 -5.22 -1.62
N LYS A 47 -16.98 -4.13 -1.40
CA LYS A 47 -16.58 -3.81 -0.05
C LYS A 47 -17.76 -3.47 0.91
N GLU A 48 -18.73 -2.70 0.41
CA GLU A 48 -19.93 -2.36 1.18
C GLU A 48 -20.82 -3.51 1.48
N ASP A 49 -21.02 -4.39 0.49
CA ASP A 49 -22.02 -5.41 0.59
C ASP A 49 -21.46 -6.65 1.32
N TYR A 50 -20.19 -6.95 1.10
CA TYR A 50 -19.67 -8.24 1.48
C TYR A 50 -18.50 -8.09 2.42
N PHE A 51 -18.10 -6.87 2.68
CA PHE A 51 -17.01 -6.54 3.57
C PHE A 51 -15.78 -7.28 3.18
N LEU A 52 -15.47 -7.33 1.90
CA LEU A 52 -14.18 -7.79 1.43
C LEU A 52 -13.19 -6.65 1.43
N THR A 53 -11.91 -6.96 1.47
CA THR A 53 -10.88 -5.97 1.66
C THR A 53 -10.23 -5.71 0.32
N ASP A 54 -9.45 -4.61 0.21
CA ASP A 54 -8.70 -4.34 -1.04
C ASP A 54 -7.71 -5.42 -1.32
N PRO A 55 -7.00 -5.91 -0.30
CA PRO A 55 -6.12 -7.04 -0.70
C PRO A 55 -6.81 -8.27 -1.23
N GLU A 56 -8.01 -8.60 -0.74
CA GLU A 56 -8.78 -9.72 -1.35
C GLU A 56 -9.23 -9.35 -2.77
N LEU A 57 -9.76 -8.18 -2.93
CA LEU A 57 -10.28 -7.77 -4.24
C LEU A 57 -9.20 -7.43 -5.24
N ASN A 58 -8.00 -7.10 -4.77
CA ASN A 58 -6.86 -6.87 -5.67
C ASN A 58 -6.11 -8.15 -6.04
N ASP A 59 -6.43 -9.28 -5.42
CA ASP A 59 -5.71 -10.52 -5.70
C ASP A 59 -6.05 -11.03 -7.09
N GLU A 60 -5.15 -10.84 -8.08
CA GLU A 60 -5.43 -11.27 -9.50
C GLU A 60 -5.83 -12.77 -9.57
N ASP A 61 -5.39 -13.55 -8.61
CA ASP A 61 -5.67 -14.98 -8.53
C ASP A 61 -7.03 -15.42 -7.88
N LEU A 62 -7.72 -14.54 -7.17
CA LEU A 62 -8.92 -14.93 -6.52
C LEU A 62 -10.27 -14.73 -7.26
N PHE A 63 -10.41 -13.70 -8.05
CA PHE A 63 -11.66 -13.35 -8.67
C PHE A 63 -11.42 -13.09 -10.13
N HIS A 64 -12.36 -13.45 -10.99
CA HIS A 64 -12.33 -12.90 -12.33
C HIS A 64 -12.82 -11.45 -12.21
N ARG A 65 -12.41 -10.62 -13.11
CA ARG A 65 -12.96 -9.29 -13.18
C ARG A 65 -12.92 -8.59 -14.48
N LEU A 66 -13.89 -7.71 -14.69
CA LEU A 66 -14.01 -6.90 -15.89
C LEU A 66 -13.65 -5.47 -15.54
N GLU A 67 -12.87 -4.79 -16.36
CA GLU A 67 -12.50 -3.40 -16.08
C GLU A 67 -13.09 -2.59 -17.18
N LYS A 68 -13.41 -1.37 -16.79
CA LYS A 68 -13.98 -0.40 -17.66
C LYS A 68 -13.36 0.95 -17.35
N PRO A 69 -13.47 1.91 -18.29
CA PRO A 69 -13.10 3.30 -17.93
C PRO A 69 -13.90 3.83 -16.73
N ASN A 70 -13.25 4.52 -15.82
CA ASN A 70 -13.94 5.15 -14.71
C ASN A 70 -14.99 6.12 -15.30
N PRO A 71 -16.23 6.04 -14.82
CA PRO A 71 -17.25 6.90 -15.44
C PRO A 71 -17.13 8.32 -15.01
N HIS A 72 -16.33 8.63 -13.98
CA HIS A 72 -16.16 9.97 -13.58
C HIS A 72 -15.15 10.65 -14.49
N SER A 73 -14.09 9.94 -14.89
CA SER A 73 -13.09 10.51 -15.78
C SER A 73 -12.23 9.34 -16.14
N GLY A 74 -12.04 9.28 -17.43
CA GLY A 74 -11.01 8.46 -18.06
C GLY A 74 -9.62 8.52 -17.53
N THR A 75 -9.27 9.61 -16.88
CA THR A 75 -8.03 9.76 -16.19
C THR A 75 -8.04 9.23 -14.76
N PHE A 76 -9.16 8.76 -14.23
CA PHE A 76 -9.15 8.16 -12.92
C PHE A 76 -8.94 6.66 -13.02
N ALA A 77 -8.73 6.04 -11.88
CA ALA A 77 -8.45 4.59 -11.89
C ALA A 77 -9.63 3.78 -12.51
N ARG A 78 -9.30 2.73 -13.26
CA ARG A 78 -10.35 1.98 -13.98
C ARG A 78 -11.37 1.40 -12.99
N MET A 79 -12.64 1.45 -13.37
CA MET A 79 -13.70 0.73 -12.69
C MET A 79 -13.50 -0.80 -12.79
N GLN A 80 -13.76 -1.51 -11.70
CA GLN A 80 -13.56 -2.91 -11.67
C GLN A 80 -14.86 -3.59 -11.34
N LEU A 81 -15.30 -4.53 -12.21
CA LEU A 81 -16.56 -5.22 -11.96
C LEU A 81 -16.31 -6.72 -11.68
N PHE A 82 -17.05 -7.21 -10.70
CA PHE A 82 -16.97 -8.58 -10.15
C PHE A 82 -18.36 -9.18 -10.22
N VAL A 83 -18.46 -10.50 -10.41
CA VAL A 83 -19.79 -11.17 -10.55
C VAL A 83 -20.23 -11.66 -9.14
N ARG A 84 -21.49 -11.37 -8.85
CA ARG A 84 -22.01 -11.59 -7.51
CA ARG A 84 -22.04 -11.60 -7.51
C ARG A 84 -21.78 -13.04 -7.03
N CYS A 85 -21.98 -14.07 -7.86
CA CYS A 85 -21.81 -15.44 -7.34
C CYS A 85 -20.36 -15.71 -6.85
N GLU A 86 -19.29 -15.20 -7.50
CA GLU A 86 -17.92 -15.45 -7.02
C GLU A 86 -17.66 -14.68 -5.72
N VAL A 87 -18.05 -13.40 -5.68
CA VAL A 87 -17.83 -12.54 -4.51
C VAL A 87 -18.62 -12.99 -3.28
N GLU A 88 -19.89 -13.35 -3.51
CA GLU A 88 -20.69 -13.90 -2.43
C GLU A 88 -20.12 -15.21 -1.83
N ALA A 89 -19.73 -16.13 -2.72
CA ALA A 89 -19.15 -17.41 -2.33
C ALA A 89 -17.88 -17.19 -1.49
N PHE A 90 -17.02 -16.27 -1.90
CA PHE A 90 -15.84 -16.01 -1.09
C PHE A 90 -16.25 -15.42 0.29
N ALA A 91 -17.17 -14.47 0.27
CA ALA A 91 -17.65 -13.85 1.46
C ALA A 91 -18.35 -14.78 2.43
N PHE A 92 -19.12 -15.72 1.92
CA PHE A 92 -19.73 -16.79 2.77
C PHE A 92 -18.68 -17.70 3.37
N LYS A 93 -17.62 -18.03 2.66
CA LYS A 93 -16.49 -18.66 3.35
C LYS A 93 -15.88 -17.80 4.43
N LYS A 94 -15.74 -16.50 4.17
CA LYS A 94 -14.97 -15.62 5.02
C LYS A 94 -15.68 -15.39 6.31
N TRP A 95 -16.97 -15.11 6.24
CA TRP A 95 -17.76 -14.71 7.41
C TRP A 95 -18.63 -15.85 7.94
N GLY A 96 -18.72 -16.97 7.23
CA GLY A 96 -19.55 -18.12 7.64
C GLY A 96 -20.99 -18.02 7.16
N GLY A 97 -21.20 -18.19 5.88
CA GLY A 97 -22.54 -18.16 5.32
C GLY A 97 -23.20 -16.79 5.39
N GLU A 98 -24.44 -16.74 4.84
CA GLU A 98 -25.26 -15.56 4.90
C GLU A 98 -25.42 -15.07 6.34
N GLU A 99 -25.63 -15.97 7.30
CA GLU A 99 -26.00 -15.49 8.63
C GLU A 99 -24.76 -14.97 9.41
N GLY A 100 -23.59 -15.54 9.19
CA GLY A 100 -22.35 -14.92 9.69
C GLY A 100 -22.14 -13.53 9.08
N LEU A 101 -22.38 -13.39 7.79
CA LEU A 101 -22.30 -12.08 7.11
C LEU A 101 -23.26 -11.02 7.71
N ASP A 102 -24.49 -11.41 8.00
CA ASP A 102 -25.42 -10.45 8.61
C ASP A 102 -25.02 -10.17 10.07
N GLU A 103 -24.46 -11.16 10.77
CA GLU A 103 -23.92 -10.90 12.11
C GLU A 103 -22.87 -9.84 12.06
N GLU A 104 -21.95 -9.93 11.09
CA GLU A 104 -20.93 -8.91 10.90
C GLU A 104 -21.60 -7.58 10.53
N TRP A 105 -22.63 -7.62 9.70
CA TRP A 105 -23.43 -6.39 9.36
C TRP A 105 -24.03 -5.76 10.60
N GLN A 106 -24.65 -6.60 11.43
CA GLN A 106 -25.25 -6.16 12.68
C GLN A 106 -24.13 -5.56 13.57
N ARG A 107 -22.99 -6.22 13.64
CA ARG A 107 -21.88 -5.74 14.48
C ARG A 107 -21.38 -4.33 14.08
N ARG A 108 -21.20 -4.13 12.79
CA ARG A 108 -20.70 -2.85 12.23
C ARG A 108 -21.65 -1.68 12.33
N GLU A 109 -22.93 -2.02 12.29
CA GLU A 109 -24.00 -1.08 12.51
C GLU A 109 -23.92 -0.37 13.88
N GLU A 110 -23.32 -1.02 14.88
CA GLU A 110 -23.07 -0.35 16.17
C GLU A 110 -21.85 0.56 16.13
N GLY A 111 -20.76 0.10 15.52
CA GLY A 111 -19.50 0.86 15.44
C GLY A 111 -19.65 2.28 14.88
N LYS A 112 -20.54 2.42 13.91
CA LYS A 112 -20.91 3.72 13.35
C LYS A 112 -22.11 4.37 14.08
N ALA A 113 -22.99 3.56 14.71
CA ALA A 113 -24.12 4.09 15.53
C ALA A 113 -23.68 4.83 16.79
N HIS A 114 -22.75 4.24 17.51
CA HIS A 114 -22.22 4.83 18.73
C HIS A 114 -21.33 6.00 18.25
N ARG A 115 -20.35 5.71 17.39
CA ARG A 115 -19.54 6.76 16.75
C ARG A 115 -20.38 7.73 15.89
N ALA B 2 43.72 16.16 -6.87
CA ALA B 2 43.84 15.61 -5.48
C ALA B 2 42.63 16.04 -4.58
N PRO B 3 41.38 15.58 -4.87
CA PRO B 3 40.14 16.05 -4.19
C PRO B 3 40.13 15.79 -2.66
N LYS B 4 39.76 16.74 -1.84
CA LYS B 4 39.88 16.55 -0.40
C LYS B 4 38.56 16.44 0.32
N CYS B 5 38.57 15.77 1.46
CA CYS B 5 37.39 15.71 2.28
C CYS B 5 36.86 17.13 2.57
N ILE B 6 35.54 17.32 2.46
CA ILE B 6 34.91 18.60 2.72
C ILE B 6 34.86 18.99 4.16
N GLU B 7 35.16 18.09 5.10
CA GLU B 7 35.16 18.45 6.49
C GLU B 7 36.56 18.81 6.93
N CYS B 8 37.56 17.94 6.71
CA CYS B 8 38.84 18.20 7.28
C CYS B 8 39.71 18.94 6.27
N HIS B 9 39.39 18.85 4.98
CA HIS B 9 40.24 19.31 3.85
C HIS B 9 41.62 18.69 3.78
N ILE B 10 41.76 17.51 4.37
CA ILE B 10 43.05 16.85 4.46
C ILE B 10 43.08 15.53 3.80
N ASN B 11 42.21 14.63 4.19
CA ASN B 11 42.14 13.33 3.57
C ASN B 11 41.70 13.33 2.12
N ILE B 12 42.37 12.50 1.35
CA ILE B 12 42.00 12.22 -0.01
C ILE B 12 41.21 10.91 -0.18
N GLU B 13 41.11 9.99 0.82
CA GLU B 13 40.48 8.67 0.65
C GLU B 13 39.12 8.76 1.32
N MET B 14 38.05 8.66 0.53
CA MET B 14 36.74 9.01 1.06
C MET B 14 36.11 7.74 1.62
N ASP B 15 35.16 7.90 2.53
CA ASP B 15 34.46 6.75 3.07
C ASP B 15 33.70 6.05 1.91
N PRO B 16 33.91 4.76 1.71
CA PRO B 16 33.30 4.22 0.52
C PRO B 16 31.78 4.30 0.48
N VAL B 17 31.07 4.06 1.59
CA VAL B 17 29.63 4.20 1.53
C VAL B 17 29.15 5.67 1.30
N LEU B 18 29.71 6.60 2.08
CA LEU B 18 29.27 7.98 1.96
C LEU B 18 29.48 8.59 0.59
N HIS B 19 30.63 8.29 0.02
CA HIS B 19 30.98 8.67 -1.31
C HIS B 19 30.14 7.98 -2.39
N ASP B 20 30.12 6.67 -2.40
CA ASP B 20 29.55 5.87 -3.50
C ASP B 20 28.05 5.86 -3.45
N VAL B 21 27.45 5.67 -2.26
CA VAL B 21 26.03 5.66 -2.14
C VAL B 21 25.44 7.04 -1.91
N PHE B 22 26.01 7.79 -0.99
CA PHE B 22 25.45 9.08 -0.65
C PHE B 22 26.04 10.33 -1.37
N LYS B 23 27.00 10.14 -2.25
CA LYS B 23 27.59 11.23 -3.04
C LYS B 23 28.22 12.31 -2.19
N LEU B 24 28.82 11.92 -1.06
CA LEU B 24 29.43 12.87 -0.13
C LEU B 24 30.92 12.59 -0.12
N GLN B 25 31.72 13.63 -0.39
CA GLN B 25 33.20 13.55 -0.36
C GLN B 25 33.65 13.76 1.10
N VAL B 26 33.42 12.73 1.94
CA VAL B 26 33.71 12.77 3.37
C VAL B 26 34.49 11.55 3.75
N CYS B 27 35.58 11.73 4.49
CA CYS B 27 36.41 10.61 4.87
C CYS B 27 35.77 9.91 6.05
N LYS B 28 36.15 8.67 6.29
CA LYS B 28 35.58 7.93 7.39
C LYS B 28 35.73 8.62 8.74
N GLN B 29 36.94 9.10 9.02
CA GLN B 29 37.22 9.76 10.28
C GLN B 29 36.28 10.92 10.55
N CYS B 30 36.10 11.79 9.57
CA CYS B 30 35.17 12.94 9.73
C CYS B 30 33.70 12.45 9.88
N SER B 31 33.35 11.37 9.21
CA SER B 31 32.00 10.82 9.38
C SER B 31 31.75 10.42 10.85
N LYS B 32 32.78 9.87 11.53
CA LYS B 32 32.66 9.42 12.92
C LYS B 32 32.71 10.64 13.77
N GLU B 33 33.43 11.66 13.34
CA GLU B 33 33.50 12.90 14.09
C GLU B 33 32.23 13.79 14.04
N HIS B 34 31.38 13.63 13.03
CA HIS B 34 30.19 14.44 12.88
C HIS B 34 28.99 13.60 12.60
N PRO B 35 28.56 12.78 13.58
CA PRO B 35 27.38 11.91 13.37
C PRO B 35 26.12 12.76 13.19
N GLU B 36 26.13 13.96 13.74
CA GLU B 36 25.03 14.90 13.48
C GLU B 36 24.73 15.09 11.99
N LYS B 37 25.73 14.96 11.10
CA LYS B 37 25.55 14.99 9.68
C LYS B 37 25.58 13.61 8.97
N TYR B 38 26.52 12.73 9.41
CA TYR B 38 26.83 11.55 8.61
C TYR B 38 26.38 10.21 9.12
N ALA B 39 25.76 10.09 10.30
CA ALA B 39 25.33 8.78 10.84
C ALA B 39 24.22 8.23 9.90
N LEU B 40 24.19 6.92 9.77
CA LEU B 40 23.20 6.20 8.94
C LEU B 40 22.08 5.76 9.88
N LEU B 41 20.84 5.91 9.45
CA LEU B 41 19.65 5.67 10.23
C LEU B 41 18.83 4.66 9.45
N THR B 42 18.32 3.66 10.14
CA THR B 42 17.41 2.73 9.55
C THR B 42 16.16 3.45 9.13
N LYS B 43 15.41 2.85 8.24
CA LYS B 43 14.09 3.37 7.93
C LYS B 43 13.16 3.59 9.17
N THR B 44 13.15 2.60 10.05
CA THR B 44 12.40 2.71 11.28
C THR B 44 12.88 3.91 12.14
N GLU B 45 14.20 4.14 12.26
CA GLU B 45 14.66 5.26 13.07
C GLU B 45 14.26 6.63 12.41
N CYS B 46 14.29 6.70 11.06
CA CYS B 46 13.84 7.91 10.36
C CYS B 46 12.36 8.25 10.68
N LYS B 47 11.53 7.22 10.74
CA LYS B 47 10.13 7.42 11.11
C LYS B 47 10.01 7.92 12.59
N GLU B 48 10.81 7.34 13.51
CA GLU B 48 10.74 7.70 14.97
C GLU B 48 11.30 9.02 15.24
N ASP B 49 12.39 9.37 14.56
CA ASP B 49 13.15 10.55 14.90
C ASP B 49 12.60 11.74 14.15
N TYR B 50 12.16 11.55 12.91
CA TYR B 50 11.89 12.69 12.06
C TYR B 50 10.46 12.79 11.61
N PHE B 51 9.70 11.77 11.94
CA PHE B 51 8.30 11.65 11.64
C PHE B 51 8.10 11.67 10.17
N LEU B 52 8.99 11.06 9.41
CA LEU B 52 8.77 10.86 7.97
C LEU B 52 7.93 9.62 7.76
N THR B 53 7.21 9.58 6.64
CA THR B 53 6.21 8.53 6.36
C THR B 53 6.80 7.57 5.40
N ASP B 54 6.17 6.39 5.29
CA ASP B 54 6.60 5.37 4.32
C ASP B 54 6.65 5.86 2.89
N PRO B 55 5.58 6.56 2.40
CA PRO B 55 5.67 7.13 1.06
C PRO B 55 6.83 8.05 0.83
N GLU B 56 7.20 8.86 1.82
CA GLU B 56 8.38 9.72 1.63
C GLU B 56 9.68 8.88 1.60
N LEU B 57 9.84 8.04 2.58
CA LEU B 57 11.08 7.13 2.64
C LEU B 57 11.15 6.12 1.53
N ASN B 58 10.00 5.76 0.94
CA ASN B 58 9.99 4.82 -0.15
C ASN B 58 10.17 5.52 -1.48
N ASP B 59 10.21 6.86 -1.52
CA ASP B 59 10.31 7.54 -2.79
C ASP B 59 11.74 7.42 -3.31
N GLU B 60 11.95 6.58 -4.34
CA GLU B 60 13.31 6.36 -4.94
C GLU B 60 14.03 7.66 -5.35
N ASP B 61 13.27 8.68 -5.72
CA ASP B 61 13.83 9.95 -6.16
C ASP B 61 14.20 10.98 -5.05
N LEU B 62 13.77 10.73 -3.83
CA LEU B 62 13.98 11.70 -2.83
C LEU B 62 15.23 11.56 -1.87
N PHE B 63 15.60 10.36 -1.57
CA PHE B 63 16.72 10.10 -0.73
C PHE B 63 17.64 9.10 -1.36
N HIS B 64 18.92 9.18 -1.06
CA HIS B 64 19.84 8.15 -1.49
C HIS B 64 19.71 7.14 -0.35
N ARG B 65 19.99 5.88 -0.61
CA ARG B 65 19.92 4.90 0.47
C ARG B 65 20.73 3.66 0.21
N LEU B 66 21.21 3.08 1.30
CA LEU B 66 21.99 1.87 1.29
C LEU B 66 21.15 0.75 1.87
N GLU B 67 21.13 -0.39 1.19
CA GLU B 67 20.32 -1.53 1.69
C GLU B 67 21.30 -2.62 2.11
N LYS B 68 20.90 -3.33 3.13
CA LYS B 68 21.62 -4.44 3.66
C LYS B 68 20.66 -5.57 3.96
N PRO B 69 21.21 -6.80 4.15
CA PRO B 69 20.36 -7.91 4.62
C PRO B 69 19.77 -7.58 5.97
N ASN B 70 18.49 -7.90 6.17
CA ASN B 70 17.86 -7.68 7.44
C ASN B 70 18.65 -8.51 8.51
N PRO B 71 19.05 -7.88 9.62
CA PRO B 71 19.83 -8.56 10.62
C PRO B 71 19.04 -9.66 11.33
N HIS B 72 17.70 -9.62 11.29
CA HIS B 72 16.89 -10.61 11.94
C HIS B 72 16.75 -11.90 11.13
N SER B 73 16.72 -11.81 9.83
CA SER B 73 16.81 -12.99 8.96
C SER B 73 16.94 -12.45 7.58
N GLY B 74 17.83 -13.09 6.85
CA GLY B 74 17.97 -12.92 5.38
C GLY B 74 16.72 -13.05 4.58
N THR B 75 15.71 -13.73 5.11
CA THR B 75 14.43 -13.85 4.39
C THR B 75 13.49 -12.71 4.67
N PHE B 76 13.78 -11.79 5.58
CA PHE B 76 12.88 -10.68 5.81
C PHE B 76 13.26 -9.53 4.91
N ALA B 77 12.40 -8.50 4.87
CA ALA B 77 12.66 -7.36 4.04
C ALA B 77 14.01 -6.66 4.33
N ARG B 78 14.72 -6.26 3.29
CA ARG B 78 16.02 -5.68 3.47
C ARG B 78 16.01 -4.43 4.35
N MET B 79 17.04 -4.30 5.14
CA MET B 79 17.28 -3.11 5.98
C MET B 79 17.66 -1.93 5.07
N GLN B 80 17.11 -0.77 5.41
CA GLN B 80 17.37 0.38 4.59
C GLN B 80 18.03 1.47 5.36
N LEU B 81 19.18 1.94 4.90
CA LEU B 81 19.92 2.95 5.65
C LEU B 81 19.93 4.28 4.88
N PHE B 82 19.68 5.36 5.63
CA PHE B 82 19.60 6.75 5.15
C PHE B 82 20.62 7.62 5.96
N VAL B 83 21.18 8.64 5.32
CA VAL B 83 22.19 9.52 5.93
C VAL B 83 21.47 10.76 6.60
N ARG B 84 21.90 11.03 7.84
CA ARG B 84 21.16 11.91 8.72
CA ARG B 84 21.16 11.94 8.72
C ARG B 84 21.03 13.29 8.04
N CYS B 85 22.09 13.82 7.42
CA CYS B 85 21.97 15.17 6.80
C CYS B 85 20.83 15.24 5.74
N GLU B 86 20.56 14.17 4.96
CA GLU B 86 19.49 14.26 3.94
C GLU B 86 18.13 14.19 4.59
N VAL B 87 17.95 13.21 5.44
CA VAL B 87 16.70 13.01 6.15
CA VAL B 87 16.62 13.07 6.08
C VAL B 87 16.30 14.22 7.01
N GLU B 88 17.29 14.78 7.71
CA GLU B 88 17.04 15.91 8.57
C GLU B 88 16.61 17.16 7.76
N ALA B 89 17.30 17.39 6.65
CA ALA B 89 17.05 18.54 5.76
C ALA B 89 15.62 18.42 5.23
N PHE B 90 15.22 17.23 4.81
CA PHE B 90 13.86 17.03 4.37
C PHE B 90 12.86 17.27 5.51
N ALA B 91 13.13 16.69 6.66
CA ALA B 91 12.27 16.88 7.81
C ALA B 91 12.12 18.30 8.30
N PHE B 92 13.20 19.07 8.23
CA PHE B 92 13.17 20.50 8.58
C PHE B 92 12.29 21.31 7.67
N LYS B 93 12.36 21.01 6.40
CA LYS B 93 11.45 21.53 5.38
C LYS B 93 10.01 21.14 5.68
N LYS B 94 9.75 19.90 6.04
CA LYS B 94 8.39 19.37 6.20
C LYS B 94 7.75 19.96 7.42
N TRP B 95 8.51 20.04 8.50
CA TRP B 95 7.94 20.44 9.80
C TRP B 95 8.23 21.89 10.19
N GLY B 96 9.17 22.53 9.51
CA GLY B 96 9.62 23.90 9.81
C GLY B 96 10.84 24.11 10.70
N GLY B 97 12.02 23.72 10.28
CA GLY B 97 13.19 23.83 11.17
C GLY B 97 13.14 22.85 12.36
N GLU B 98 14.20 22.89 13.20
CA GLU B 98 14.27 22.06 14.42
C GLU B 98 13.11 22.41 15.34
N GLU B 99 12.65 23.68 15.33
CA GLU B 99 11.57 24.20 16.21
C GLU B 99 10.26 23.49 15.89
N GLY B 100 9.86 23.52 14.61
CA GLY B 100 8.65 22.83 14.17
C GLY B 100 8.67 21.34 14.50
N LEU B 101 9.76 20.68 14.19
CA LEU B 101 9.96 19.27 14.56
C LEU B 101 9.73 19.00 16.05
N ASP B 102 10.36 19.81 16.91
CA ASP B 102 10.18 19.64 18.34
C ASP B 102 8.73 19.84 18.75
N GLU B 103 8.06 20.80 18.12
CA GLU B 103 6.66 21.06 18.43
C GLU B 103 5.82 19.84 18.09
N GLU B 104 6.11 19.24 16.94
CA GLU B 104 5.39 18.05 16.52
C GLU B 104 5.65 16.95 17.52
N TRP B 105 6.89 16.88 18.01
CA TRP B 105 7.24 15.86 18.98
C TRP B 105 6.42 16.05 20.26
N GLN B 106 6.27 17.28 20.71
CA GLN B 106 5.50 17.56 21.92
C GLN B 106 4.05 17.15 21.70
N ARG B 107 3.52 17.47 20.51
CA ARG B 107 2.15 17.12 20.22
C ARG B 107 1.98 15.61 20.25
N ARG B 108 2.93 14.89 19.70
CA ARG B 108 2.85 13.44 19.67
C ARG B 108 2.92 12.86 21.06
N GLU B 109 3.73 13.48 21.91
CA GLU B 109 3.88 13.07 23.28
C GLU B 109 2.54 13.19 24.00
N GLU B 110 1.76 14.23 23.71
CA GLU B 110 0.45 14.34 24.37
C GLU B 110 -0.58 13.20 24.07
N GLY B 111 -0.71 12.82 22.80
CA GLY B 111 -1.52 11.73 22.27
C GLY B 111 -1.09 10.40 22.85
N LYS B 112 0.21 10.35 23.21
CA LYS B 112 0.79 9.26 23.99
C LYS B 112 0.24 9.27 25.42
N ALA B 113 0.23 10.44 26.06
CA ALA B 113 -0.21 10.55 27.46
C ALA B 113 -1.71 10.24 27.66
N HIS B 114 -2.55 10.81 26.80
CA HIS B 114 -4.00 10.66 26.88
C HIS B 114 -4.43 9.48 25.99
N ARG B 115 -3.93 8.27 26.28
CA ARG B 115 -4.21 7.05 25.47
C ARG B 115 -3.49 5.81 26.05
#